data_3IUO
#
_entry.id   3IUO
#
_cell.length_a   98.326
_cell.length_b   98.326
_cell.length_c   72.526
_cell.angle_alpha   90.000
_cell.angle_beta   90.000
_cell.angle_gamma   120.000
#
_symmetry.space_group_name_H-M   'H 3'
#
loop_
_entity.id
_entity.type
_entity.pdbx_description
1 polymer 'ATP-dependent DNA helicase RecQ'
2 non-polymer 'SODIUM ION'
3 non-polymer 'CHLORIDE ION'
4 water water
#
_entity_poly.entity_id   1
_entity_poly.type   'polypeptide(L)'
_entity_poly.pdbx_seq_one_letter_code
;ENEIERPED(MSE)RVRTLANKSK(MSE)KVSIVQQIDRKVALDDIAVSHGLDFPELLSEVETIVYSGTRINIDYFINEV
(MSE)DEDHLEDIFEYFKESTTDSLEEA(MSE)QELGKDYSEEEIRLVRIKFLSE(MSE)AN
;
_entity_poly.pdbx_strand_id   A,B
#
loop_
_chem_comp.id
_chem_comp.type
_chem_comp.name
_chem_comp.formula
CL non-polymer 'CHLORIDE ION' 'Cl -1'
NA non-polymer 'SODIUM ION' 'Na 1'
#
# COMPACT_ATOMS: atom_id res chain seq x y z
N ARG A 11 -17.05 -20.80 18.47
CA ARG A 11 -17.81 -21.75 17.58
C ARG A 11 -18.19 -21.09 16.26
N VAL A 12 -18.73 -19.87 16.37
CA VAL A 12 -19.10 -19.01 15.23
C VAL A 12 -18.46 -17.63 15.40
N ARG A 13 -17.78 -17.16 14.36
CA ARG A 13 -17.10 -15.86 14.43
C ARG A 13 -18.15 -14.76 14.45
N THR A 14 -17.91 -13.75 15.27
CA THR A 14 -18.76 -12.54 15.31
C THR A 14 -17.80 -11.36 15.28
N LEU A 15 -18.32 -10.16 15.01
CA LEU A 15 -17.39 -9.01 14.99
C LEU A 15 -16.80 -8.71 16.37
N ALA A 16 -17.58 -8.97 17.42
CA ALA A 16 -17.07 -8.78 18.79
C ALA A 16 -15.95 -9.77 19.09
N ASN A 17 -16.10 -11.04 18.71
CA ASN A 17 -15.00 -11.93 19.05
C ASN A 17 -13.75 -11.69 18.21
N LYS A 18 -13.94 -11.18 17.01
CA LYS A 18 -12.82 -10.79 16.15
C LYS A 18 -12.10 -9.61 16.80
N SER A 19 -12.88 -8.64 17.34
CA SER A 19 -12.32 -7.45 17.98
C SER A 19 -11.53 -7.85 19.22
N LYS A 20 -12.08 -8.78 20.00
CA LYS A 20 -11.41 -9.22 21.20
C LYS A 20 -10.16 -10.01 20.85
N MSE A 21 -10.20 -10.82 19.80
CA MSE A 21 -9.02 -11.56 19.37
C MSE A 21 -7.87 -10.64 19.01
O MSE A 21 -6.72 -10.90 19.33
CB MSE A 21 -9.31 -12.56 18.25
CG MSE A 21 -8.09 -13.40 17.89
SE MSE A 21 -8.43 -14.52 16.35
CE MSE A 21 -8.89 -13.09 15.12
N LYS A 22 -8.19 -9.54 18.34
CA LYS A 22 -7.12 -8.64 17.96
C LYS A 22 -6.48 -7.97 19.17
N VAL A 23 -7.30 -7.61 20.16
CA VAL A 23 -6.77 -7.06 21.40
C VAL A 23 -5.84 -8.09 22.03
N SER A 24 -6.28 -9.35 22.05
CA SER A 24 -5.47 -10.42 22.62
CA SER A 24 -5.48 -10.44 22.61
C SER A 24 -4.13 -10.56 21.91
N ILE A 25 -4.16 -10.56 20.58
CA ILE A 25 -2.92 -10.69 19.80
C ILE A 25 -1.95 -9.54 20.14
N VAL A 26 -2.47 -8.33 20.25
CA VAL A 26 -1.64 -7.17 20.59
C VAL A 26 -1.01 -7.36 21.95
N GLN A 27 -1.80 -7.84 22.90
CA GLN A 27 -1.32 -8.05 24.28
C GLN A 27 -0.20 -9.11 24.28
N GLN A 28 -0.39 -10.17 23.50
CA GLN A 28 0.64 -11.20 23.34
C GLN A 28 1.91 -10.67 22.68
N ILE A 29 1.77 -9.85 21.64
CA ILE A 29 2.95 -9.24 21.01
C ILE A 29 3.68 -8.34 22.04
N ASP A 30 2.91 -7.60 22.83
CA ASP A 30 3.53 -6.76 23.87
C ASP A 30 4.35 -7.58 24.87
N ARG A 31 3.87 -8.79 25.15
CA ARG A 31 4.52 -9.71 26.10
C ARG A 31 5.63 -10.54 25.42
N LYS A 32 5.94 -10.20 24.18
CA LYS A 32 7.00 -10.85 23.38
C LYS A 32 6.78 -12.35 23.21
N VAL A 33 5.53 -12.72 22.96
CA VAL A 33 5.19 -14.10 22.62
C VAL A 33 5.53 -14.32 21.16
N ALA A 34 6.24 -15.39 20.83
CA ALA A 34 6.64 -15.62 19.43
C ALA A 34 5.42 -15.65 18.49
N LEU A 35 5.54 -15.07 17.29
CA LEU A 35 4.36 -14.96 16.43
CA LEU A 35 4.37 -14.96 16.41
C LEU A 35 3.78 -16.30 16.02
N ASP A 36 4.65 -17.30 15.89
CA ASP A 36 4.17 -18.65 15.55
C ASP A 36 3.43 -19.28 16.74
N ASP A 37 3.88 -18.98 17.96
CA ASP A 37 3.17 -19.41 19.17
C ASP A 37 1.80 -18.71 19.30
N ILE A 38 1.76 -17.43 18.96
CA ILE A 38 0.49 -16.67 18.95
C ILE A 38 -0.48 -17.36 17.97
N ALA A 39 0.01 -17.72 16.80
CA ALA A 39 -0.84 -18.33 15.76
C ALA A 39 -1.51 -19.57 16.30
N VAL A 40 -0.70 -20.46 16.87
CA VAL A 40 -1.21 -21.69 17.50
C VAL A 40 -2.24 -21.40 18.60
N SER A 41 -1.97 -20.40 19.44
CA SER A 41 -2.85 -20.08 20.58
C SER A 41 -4.25 -19.72 20.12
N HIS A 42 -4.36 -19.22 18.89
CA HIS A 42 -5.64 -18.78 18.32
C HIS A 42 -6.15 -19.68 17.21
N GLY A 43 -5.46 -20.80 17.00
CA GLY A 43 -5.86 -21.80 16.02
C GLY A 43 -5.70 -21.31 14.59
N LEU A 44 -4.69 -20.48 14.39
CA LEU A 44 -4.42 -19.91 13.08
C LEU A 44 -3.17 -20.51 12.50
N ASP A 45 -3.14 -20.66 11.18
CA ASP A 45 -1.90 -20.93 10.45
CA ASP A 45 -1.86 -20.96 10.54
C ASP A 45 -1.08 -19.66 10.46
N PHE A 46 0.20 -19.77 10.16
CA PHE A 46 1.04 -18.57 10.16
C PHE A 46 0.58 -17.43 9.22
N PRO A 47 0.24 -17.73 7.95
CA PRO A 47 -0.24 -16.64 7.09
C PRO A 47 -1.53 -16.01 7.60
N GLU A 48 -2.39 -16.80 8.23
CA GLU A 48 -3.62 -16.25 8.80
C GLU A 48 -3.30 -15.27 9.94
N LEU A 49 -2.32 -15.62 10.77
CA LEU A 49 -1.87 -14.73 11.82
C LEU A 49 -1.29 -13.45 11.19
N LEU A 50 -0.45 -13.59 10.14
CA LEU A 50 0.08 -12.40 9.49
C LEU A 50 -1.03 -11.48 9.01
N SER A 51 -2.13 -12.08 8.50
CA SER A 51 -3.24 -11.24 8.06
C SER A 51 -3.90 -10.47 9.19
N GLU A 52 -4.01 -11.10 10.36
CA GLU A 52 -4.57 -10.37 11.52
C GLU A 52 -3.65 -9.28 11.97
N VAL A 53 -2.34 -9.54 11.97
CA VAL A 53 -1.37 -8.55 12.42
C VAL A 53 -1.39 -7.36 11.43
N GLU A 54 -1.54 -7.65 10.13
CA GLU A 54 -1.64 -6.59 9.13
C GLU A 54 -2.90 -5.75 9.43
N THR A 55 -4.04 -6.40 9.65
CA THR A 55 -5.25 -5.65 10.05
C THR A 55 -5.00 -4.72 11.25
N ILE A 56 -4.33 -5.24 12.27
CA ILE A 56 -3.95 -4.47 13.46
C ILE A 56 -3.07 -3.26 13.12
N VAL A 57 -2.03 -3.51 12.35
CA VAL A 57 -1.12 -2.43 11.95
C VAL A 57 -1.85 -1.39 11.09
N TYR A 58 -2.72 -1.82 10.18
CA TYR A 58 -3.41 -0.85 9.35
C TYR A 58 -4.25 0.12 10.14
N SER A 59 -4.76 -0.34 11.28
CA SER A 59 -5.61 0.49 12.14
C SER A 59 -4.85 1.55 12.93
N GLY A 60 -3.53 1.53 12.78
CA GLY A 60 -2.64 2.47 13.47
C GLY A 60 -2.13 1.97 14.82
N THR A 61 -2.44 0.72 15.19
CA THR A 61 -1.98 0.19 16.48
C THR A 61 -0.48 0.04 16.45
N ARG A 62 0.17 0.60 17.45
CA ARG A 62 1.61 0.55 17.57
C ARG A 62 1.99 -0.81 18.15
N ILE A 63 2.57 -1.64 17.30
CA ILE A 63 3.19 -2.87 17.75
C ILE A 63 4.67 -2.91 17.40
N ASN A 64 5.36 -3.88 18.00
CA ASN A 64 6.79 -4.08 17.82
C ASN A 64 7.07 -5.56 17.79
N ILE A 65 7.44 -6.05 16.59
CA ILE A 65 7.74 -7.47 16.43
C ILE A 65 9.24 -7.72 16.19
N ASP A 66 10.09 -6.76 16.57
CA ASP A 66 11.56 -6.95 16.43
C ASP A 66 12.05 -8.18 17.14
N TYR A 67 11.54 -8.43 18.34
CA TYR A 67 11.93 -9.61 19.11
C TYR A 67 11.80 -10.88 18.28
N PHE A 68 10.78 -10.96 17.41
CA PHE A 68 10.52 -12.15 16.64
C PHE A 68 11.37 -12.18 15.37
N ILE A 69 11.35 -11.06 14.64
CA ILE A 69 12.09 -10.92 13.38
CA ILE A 69 12.08 -10.92 13.38
C ILE A 69 13.57 -11.18 13.62
N ASN A 70 14.11 -10.59 14.69
CA ASN A 70 15.54 -10.74 14.97
C ASN A 70 15.94 -12.20 15.27
N GLU A 71 15.00 -12.96 15.83
CA GLU A 71 15.26 -14.34 16.21
C GLU A 71 15.23 -15.29 15.01
N VAL A 72 14.26 -15.08 14.12
CA VAL A 72 13.97 -16.04 13.05
C VAL A 72 14.47 -15.66 11.68
N MSE A 73 14.70 -14.37 11.41
CA MSE A 73 15.12 -13.99 10.06
C MSE A 73 16.61 -13.76 9.92
O MSE A 73 17.29 -13.39 10.86
CB MSE A 73 14.36 -12.79 9.55
CG MSE A 73 12.94 -13.15 9.26
SE MSE A 73 12.04 -11.62 8.43
CE MSE A 73 13.27 -11.26 6.91
N ASP A 74 17.07 -13.93 8.69
CA ASP A 74 18.46 -13.61 8.32
C ASP A 74 18.61 -12.10 8.39
N GLU A 75 19.60 -11.62 9.13
CA GLU A 75 19.75 -10.18 9.33
C GLU A 75 19.95 -9.44 8.00
N ASP A 76 20.63 -10.08 7.04
CA ASP A 76 20.83 -9.45 5.74
C ASP A 76 19.52 -9.35 4.96
N HIS A 77 18.70 -10.38 5.05
CA HIS A 77 17.37 -10.34 4.42
C HIS A 77 16.53 -9.24 5.01
N LEU A 78 16.53 -9.14 6.34
CA LEU A 78 15.77 -8.08 7.00
C LEU A 78 16.25 -6.70 6.51
N GLU A 79 17.56 -6.46 6.52
CA GLU A 79 18.08 -5.14 6.12
C GLU A 79 17.70 -4.80 4.67
N ASP A 80 17.80 -5.76 3.77
CA ASP A 80 17.58 -5.47 2.36
C ASP A 80 16.10 -5.28 2.07
N ILE A 81 15.25 -6.08 2.72
CA ILE A 81 13.80 -5.88 2.53
C ILE A 81 13.36 -4.53 3.12
N PHE A 82 13.93 -4.20 4.28
CA PHE A 82 13.55 -2.94 4.93
C PHE A 82 13.95 -1.73 4.08
N GLU A 83 15.17 -1.77 3.51
CA GLU A 83 15.61 -0.72 2.60
C GLU A 83 14.68 -0.57 1.41
N TYR A 84 14.23 -1.70 0.86
CA TYR A 84 13.24 -1.64 -0.22
C TYR A 84 12.03 -0.82 0.24
N PHE A 85 11.48 -1.13 1.41
CA PHE A 85 10.29 -0.36 1.85
C PHE A 85 10.59 1.11 2.12
N LYS A 86 11.78 1.39 2.68
CA LYS A 86 12.18 2.77 2.95
C LYS A 86 12.22 3.63 1.67
N GLU A 87 12.65 2.98 0.58
CA GLU A 87 12.83 3.66 -0.68
C GLU A 87 11.67 3.57 -1.63
N SER A 88 10.68 2.76 -1.27
CA SER A 88 9.54 2.50 -2.14
C SER A 88 8.56 3.67 -2.14
N THR A 89 7.76 3.76 -3.20
CA THR A 89 6.68 4.75 -3.24
C THR A 89 5.37 4.23 -2.67
N THR A 90 5.06 2.99 -3.02
CA THR A 90 3.91 2.30 -2.40
C THR A 90 4.37 1.17 -1.51
N ASP A 91 3.61 0.92 -0.43
CA ASP A 91 3.91 -0.22 0.47
C ASP A 91 3.31 -1.55 0.00
N SER A 92 2.61 -1.49 -1.14
CA SER A 92 1.92 -2.67 -1.71
C SER A 92 2.71 -3.97 -1.65
N LEU A 93 2.07 -5.04 -1.14
CA LEU A 93 2.71 -6.31 -1.20
C LEU A 93 2.92 -6.76 -2.64
N GLU A 94 1.98 -6.49 -3.53
CA GLU A 94 2.10 -6.90 -4.94
C GLU A 94 3.34 -6.27 -5.56
N GLU A 95 3.54 -4.98 -5.31
CA GLU A 95 4.75 -4.32 -5.80
C GLU A 95 6.02 -4.88 -5.20
N ALA A 96 5.98 -5.15 -3.88
CA ALA A 96 7.14 -5.71 -3.19
C ALA A 96 7.48 -7.11 -3.74
N MSE A 97 6.47 -7.91 -4.01
CA MSE A 97 6.75 -9.26 -4.61
C MSE A 97 7.34 -9.15 -6.00
O MSE A 97 8.21 -9.94 -6.39
CB MSE A 97 5.45 -10.06 -4.64
CG MSE A 97 5.06 -10.54 -3.27
SE MSE A 97 6.23 -11.94 -2.54
CE MSE A 97 6.33 -13.16 -4.09
N GLN A 98 6.89 -8.15 -6.76
CA GLN A 98 7.42 -7.96 -8.12
C GLN A 98 8.91 -7.64 -8.02
N GLU A 99 9.28 -6.76 -7.08
CA GLU A 99 10.66 -6.35 -6.97
C GLU A 99 11.59 -7.30 -6.25
N LEU A 100 11.08 -7.98 -5.22
CA LEU A 100 11.87 -8.73 -4.24
C LEU A 100 11.67 -10.25 -4.28
N GLY A 101 10.62 -10.69 -4.96
CA GLY A 101 10.20 -12.08 -4.92
C GLY A 101 11.19 -13.10 -5.48
N LYS A 102 12.18 -12.63 -6.24
CA LYS A 102 13.21 -13.54 -6.73
C LYS A 102 14.21 -13.91 -5.65
N ASP A 103 14.22 -13.11 -4.58
CA ASP A 103 15.17 -13.33 -3.47
C ASP A 103 14.54 -13.70 -2.14
N TYR A 104 13.33 -13.20 -1.88
CA TYR A 104 12.71 -13.35 -0.56
C TYR A 104 11.32 -13.93 -0.67
N SER A 105 10.92 -14.69 0.34
CA SER A 105 9.59 -15.29 0.31
C SER A 105 8.52 -14.24 0.66
N GLU A 106 7.28 -14.58 0.32
CA GLU A 106 6.14 -13.77 0.75
C GLU A 106 6.13 -13.56 2.26
N GLU A 107 6.42 -14.63 3.03
CA GLU A 107 6.40 -14.51 4.49
C GLU A 107 7.47 -13.56 5.02
N GLU A 108 8.69 -13.66 4.49
CA GLU A 108 9.74 -12.70 4.87
C GLU A 108 9.32 -11.28 4.55
N ILE A 109 8.80 -11.07 3.34
CA ILE A 109 8.41 -9.72 2.92
C ILE A 109 7.26 -9.18 3.76
N ARG A 110 6.27 -10.03 4.03
CA ARG A 110 5.16 -9.60 4.89
C ARG A 110 5.63 -9.22 6.30
N LEU A 111 6.58 -9.98 6.86
CA LEU A 111 7.02 -9.70 8.22
C LEU A 111 7.72 -8.35 8.28
N VAL A 112 8.64 -8.13 7.34
CA VAL A 112 9.38 -6.87 7.35
C VAL A 112 8.46 -5.72 7.01
N ARG A 113 7.48 -5.97 6.15
CA ARG A 113 6.48 -4.94 5.87
C ARG A 113 5.69 -4.52 7.10
N ILE A 114 5.34 -5.51 7.93
CA ILE A 114 4.70 -5.23 9.24
C ILE A 114 5.58 -4.34 10.11
N LYS A 115 6.85 -4.69 10.23
CA LYS A 115 7.78 -3.86 11.00
C LYS A 115 7.83 -2.42 10.44
N PHE A 116 8.00 -2.31 9.12
CA PHE A 116 8.11 -1.02 8.46
C PHE A 116 6.86 -0.14 8.70
N LEU A 117 5.68 -0.72 8.45
CA LEU A 117 4.45 0.05 8.62
C LEU A 117 4.22 0.44 10.08
N SER A 118 4.58 -0.47 10.98
CA SER A 118 4.44 -0.21 12.42
C SER A 118 5.30 0.94 12.94
N GLU A 119 6.40 1.20 12.24
CA GLU A 119 7.39 2.20 12.65
C GLU A 119 7.10 3.61 12.13
N MSE A 120 6.12 3.71 11.24
CA MSE A 120 5.59 5.04 10.85
C MSE A 120 5.18 5.90 12.05
O MSE A 120 4.43 5.46 12.95
CB MSE A 120 4.43 4.87 9.88
CG MSE A 120 4.85 4.21 8.60
SE MSE A 120 3.30 3.69 7.54
CE MSE A 120 2.68 5.50 7.04
N VAL B 12 0.34 -4.07 -31.55
CA VAL B 12 0.69 -5.07 -30.49
C VAL B 12 1.54 -4.41 -29.40
N ARG B 13 1.10 -4.54 -28.15
CA ARG B 13 1.83 -3.98 -27.01
C ARG B 13 3.17 -4.71 -26.85
N THR B 14 4.24 -3.95 -26.65
CA THR B 14 5.54 -4.53 -26.30
C THR B 14 6.13 -3.72 -25.14
N LEU B 15 7.22 -4.21 -24.53
CA LEU B 15 7.79 -3.49 -23.38
C LEU B 15 8.39 -2.14 -23.81
N ALA B 16 8.97 -2.12 -25.01
CA ALA B 16 9.50 -0.88 -25.59
C ALA B 16 8.42 0.18 -25.85
N ASN B 17 7.35 -0.16 -26.57
CA ASN B 17 6.27 0.82 -26.84
C ASN B 17 5.41 1.20 -25.61
N LYS B 18 5.40 0.34 -24.60
CA LYS B 18 4.75 0.69 -23.35
C LYS B 18 5.62 1.71 -22.61
N SER B 19 6.94 1.51 -22.60
CA SER B 19 7.85 2.45 -21.93
C SER B 19 7.76 3.81 -22.63
N LYS B 20 7.67 3.78 -23.95
CA LYS B 20 7.51 5.02 -24.73
C LYS B 20 6.21 5.75 -24.42
N MSE B 21 5.15 4.98 -24.23
CA MSE B 21 3.83 5.56 -23.95
C MSE B 21 3.88 6.25 -22.60
O MSE B 21 3.30 7.33 -22.45
CB MSE B 21 2.74 4.48 -23.94
CG MSE B 21 1.33 5.05 -23.68
SE MSE B 21 -0.01 3.65 -23.38
CE MSE B 21 1.00 2.61 -22.07
N LYS B 22 4.56 5.65 -21.65
CA LYS B 22 4.70 6.24 -20.33
C LYS B 22 5.52 7.51 -20.35
N VAL B 23 6.57 7.52 -21.19
CA VAL B 23 7.37 8.72 -21.33
C VAL B 23 6.48 9.85 -21.87
N SER B 24 5.64 9.51 -22.86
CA SER B 24 4.72 10.47 -23.46
CA SER B 24 4.70 10.47 -23.47
C SER B 24 3.72 11.00 -22.43
N ILE B 25 3.18 10.09 -21.62
CA ILE B 25 2.20 10.49 -20.57
C ILE B 25 2.82 11.49 -19.58
N VAL B 26 4.04 11.21 -19.15
CA VAL B 26 4.76 12.10 -18.23
C VAL B 26 4.93 13.48 -18.88
N GLN B 27 5.28 13.50 -20.16
CA GLN B 27 5.46 14.77 -20.86
C GLN B 27 4.14 15.51 -20.96
N GLN B 28 3.07 14.79 -21.26
CA GLN B 28 1.72 15.37 -21.32
C GLN B 28 1.31 15.98 -19.99
N ILE B 29 1.59 15.28 -18.90
CA ILE B 29 1.21 15.77 -17.59
C ILE B 29 2.02 17.02 -17.28
N ASP B 30 3.30 17.01 -17.64
CA ASP B 30 4.14 18.19 -17.41
C ASP B 30 3.62 19.40 -18.17
N ARG B 31 3.03 19.14 -19.33
CA ARG B 31 2.44 20.18 -20.19
C ARG B 31 0.99 20.50 -19.79
N LYS B 32 0.54 19.93 -18.69
CA LYS B 32 -0.78 20.25 -18.13
C LYS B 32 -1.95 19.88 -19.06
N VAL B 33 -1.80 18.75 -19.75
CA VAL B 33 -2.88 18.21 -20.59
C VAL B 33 -3.83 17.45 -19.66
N ALA B 34 -5.14 17.67 -19.81
CA ALA B 34 -6.13 17.04 -18.93
C ALA B 34 -6.02 15.53 -19.03
N LEU B 35 -6.13 14.85 -17.90
CA LEU B 35 -5.92 13.40 -17.87
CA LEU B 35 -5.94 13.39 -17.84
C LEU B 35 -6.91 12.64 -18.76
N ASP B 36 -8.15 13.10 -18.82
CA ASP B 36 -9.11 12.48 -19.72
C ASP B 36 -8.69 12.67 -21.19
N ASP B 37 -8.10 13.82 -21.52
CA ASP B 37 -7.54 14.04 -22.86
C ASP B 37 -6.31 13.17 -23.13
N ILE B 38 -5.47 12.99 -22.12
CA ILE B 38 -4.35 12.08 -22.25
C ILE B 38 -4.86 10.65 -22.55
N ALA B 39 -5.86 10.18 -21.81
CA ALA B 39 -6.48 8.87 -22.03
C ALA B 39 -6.87 8.70 -23.49
N VAL B 40 -7.66 9.64 -24.00
CA VAL B 40 -8.17 9.53 -25.36
C VAL B 40 -7.04 9.51 -26.40
N SER B 41 -6.02 10.33 -26.17
CA SER B 41 -4.84 10.39 -27.06
C SER B 41 -4.06 9.08 -27.17
N HIS B 42 -4.17 8.22 -26.15
CA HIS B 42 -3.50 6.91 -26.16
C HIS B 42 -4.45 5.73 -26.34
N GLY B 43 -5.71 6.03 -26.69
CA GLY B 43 -6.72 4.98 -26.89
C GLY B 43 -7.02 4.22 -25.60
N LEU B 44 -6.91 4.92 -24.47
CA LEU B 44 -7.19 4.30 -23.17
C LEU B 44 -8.51 4.80 -22.62
N ASP B 45 -9.21 3.94 -21.87
CA ASP B 45 -10.32 4.46 -21.07
C ASP B 45 -9.72 5.05 -19.79
N PHE B 46 -10.51 5.79 -19.03
CA PHE B 46 -9.96 6.53 -17.89
C PHE B 46 -9.29 5.63 -16.85
N PRO B 47 -9.96 4.54 -16.44
CA PRO B 47 -9.30 3.68 -15.46
C PRO B 47 -7.99 3.07 -15.94
N GLU B 48 -7.90 2.75 -17.23
CA GLU B 48 -6.64 2.28 -17.81
C GLU B 48 -5.57 3.36 -17.74
N LEU B 49 -5.94 4.60 -18.00
CA LEU B 49 -4.97 5.70 -17.84
C LEU B 49 -4.48 5.78 -16.39
N LEU B 50 -5.42 5.71 -15.43
CA LEU B 50 -5.06 5.73 -14.03
C LEU B 50 -4.06 4.63 -13.70
N SER B 51 -4.25 3.44 -14.28
CA SER B 51 -3.31 2.35 -14.03
C SER B 51 -1.91 2.67 -14.53
N GLU B 52 -1.82 3.31 -15.70
CA GLU B 52 -0.51 3.71 -16.21
C GLU B 52 0.15 4.81 -15.38
N VAL B 53 -0.64 5.77 -14.94
CA VAL B 53 -0.11 6.86 -14.07
C VAL B 53 0.34 6.25 -12.72
N GLU B 54 -0.41 5.29 -12.18
CA GLU B 54 0.05 4.59 -10.99
C GLU B 54 1.42 3.89 -11.18
N THR B 55 1.55 3.16 -12.28
CA THR B 55 2.83 2.50 -12.62
C THR B 55 3.98 3.53 -12.64
N ILE B 56 3.72 4.66 -13.28
CA ILE B 56 4.71 5.75 -13.34
C ILE B 56 5.10 6.24 -11.94
N VAL B 57 4.10 6.49 -11.11
CA VAL B 57 4.34 6.99 -9.76
C VAL B 57 5.08 5.93 -8.92
N TYR B 58 4.68 4.65 -9.05
CA TYR B 58 5.40 3.62 -8.30
C TYR B 58 6.88 3.54 -8.66
N SER B 59 7.21 3.88 -9.91
CA SER B 59 8.58 3.84 -10.40
C SER B 59 9.47 5.00 -9.89
N GLY B 60 8.84 5.96 -9.25
CA GLY B 60 9.57 7.08 -8.67
C GLY B 60 9.43 8.44 -9.32
N THR B 61 8.66 8.52 -10.40
CA THR B 61 8.52 9.82 -11.11
C THR B 61 7.62 10.75 -10.34
N ARG B 62 8.13 11.93 -10.02
CA ARG B 62 7.36 12.93 -9.31
C ARG B 62 6.47 13.70 -10.26
N ILE B 63 5.27 13.23 -10.46
CA ILE B 63 4.33 13.94 -11.33
C ILE B 63 3.41 14.83 -10.51
N ASN B 64 2.96 15.91 -11.14
CA ASN B 64 2.01 16.75 -10.49
C ASN B 64 0.72 16.86 -11.28
N ILE B 65 -0.37 16.34 -10.70
CA ILE B 65 -1.68 16.40 -11.36
C ILE B 65 -2.68 17.36 -10.68
N ASP B 66 -2.18 18.28 -9.86
CA ASP B 66 -3.04 19.26 -9.17
C ASP B 66 -3.90 20.04 -10.14
N TYR B 67 -3.34 20.41 -11.29
CA TYR B 67 -4.07 21.20 -12.28
C TYR B 67 -5.37 20.50 -12.71
N PHE B 68 -5.31 19.18 -12.81
CA PHE B 68 -6.47 18.40 -13.22
C PHE B 68 -7.43 18.14 -12.06
N ILE B 69 -6.90 17.70 -10.92
CA ILE B 69 -7.71 17.45 -9.73
C ILE B 69 -8.48 18.72 -9.33
N ASN B 70 -7.78 19.85 -9.27
CA ASN B 70 -8.41 21.13 -8.92
C ASN B 70 -9.51 21.58 -9.90
N GLU B 71 -9.39 21.17 -11.16
CA GLU B 71 -10.39 21.50 -12.18
C GLU B 71 -11.62 20.61 -12.07
N VAL B 72 -11.41 19.31 -11.82
CA VAL B 72 -12.51 18.34 -11.92
C VAL B 72 -13.12 17.86 -10.60
N MSE B 73 -12.36 17.94 -9.50
CA MSE B 73 -12.82 17.35 -8.26
C MSE B 73 -13.39 18.38 -7.29
O MSE B 73 -12.91 19.51 -7.22
CB MSE B 73 -11.71 16.54 -7.57
CG MSE B 73 -11.54 15.14 -8.17
SE MSE B 73 -10.31 14.04 -7.13
CE MSE B 73 -10.86 14.63 -5.34
N ASP B 74 -14.43 17.96 -6.58
CA ASP B 74 -14.98 18.78 -5.50
C ASP B 74 -13.89 19.01 -4.44
N GLU B 75 -13.73 20.27 -4.04
CA GLU B 75 -12.66 20.67 -3.09
C GLU B 75 -12.66 19.95 -1.74
N ASP B 76 -13.83 19.80 -1.11
CA ASP B 76 -13.95 19.06 0.16
C ASP B 76 -13.65 17.55 0.02
N HIS B 77 -14.00 16.99 -1.14
CA HIS B 77 -13.65 15.61 -1.47
C HIS B 77 -12.14 15.46 -1.51
N LEU B 78 -11.46 16.34 -2.23
CA LEU B 78 -9.98 16.33 -2.27
C LEU B 78 -9.35 16.41 -0.86
N GLU B 79 -9.79 17.37 -0.05
CA GLU B 79 -9.27 17.55 1.30
C GLU B 79 -9.49 16.32 2.19
N ASP B 80 -10.71 15.78 2.16
CA ASP B 80 -11.03 14.63 3.01
C ASP B 80 -10.25 13.36 2.63
N ILE B 81 -10.13 13.10 1.33
CA ILE B 81 -9.38 11.94 0.88
C ILE B 81 -7.88 12.15 1.16
N PHE B 82 -7.39 13.36 0.95
CA PHE B 82 -5.95 13.65 1.16
C PHE B 82 -5.65 13.44 2.63
N GLU B 83 -6.54 13.94 3.49
CA GLU B 83 -6.38 13.75 4.93
C GLU B 83 -6.40 12.29 5.33
N TYR B 84 -7.29 11.52 4.70
CA TYR B 84 -7.27 10.07 4.90
C TYR B 84 -5.87 9.49 4.62
N PHE B 85 -5.27 9.84 3.49
CA PHE B 85 -3.95 9.29 3.19
C PHE B 85 -2.86 9.74 4.16
N LYS B 86 -2.92 11.03 4.53
CA LYS B 86 -1.94 11.55 5.47
C LYS B 86 -1.96 10.83 6.79
N GLU B 87 -3.15 10.40 7.22
CA GLU B 87 -3.34 9.72 8.50
C GLU B 87 -3.26 8.20 8.42
N SER B 88 -3.24 7.67 7.20
CA SER B 88 -3.26 6.21 7.02
C SER B 88 -1.91 5.58 7.36
N THR B 89 -1.95 4.26 7.57
CA THR B 89 -0.73 3.47 7.75
C THR B 89 -0.36 2.83 6.43
N THR B 90 -1.32 2.18 5.79
CA THR B 90 -1.07 1.66 4.43
C THR B 90 -1.73 2.56 3.40
N ASP B 91 -1.08 2.69 2.24
CA ASP B 91 -1.64 3.45 1.13
C ASP B 91 -2.59 2.65 0.26
N SER B 92 -2.84 1.39 0.63
CA SER B 92 -3.57 0.45 -0.20
C SER B 92 -4.92 0.99 -0.69
N LEU B 93 -5.22 0.78 -1.99
CA LEU B 93 -6.53 1.20 -2.50
C LEU B 93 -7.65 0.41 -1.82
N GLU B 94 -7.42 -0.88 -1.59
CA GLU B 94 -8.41 -1.74 -0.90
C GLU B 94 -8.79 -1.19 0.45
N GLU B 95 -7.79 -0.79 1.24
CA GLU B 95 -8.08 -0.23 2.56
C GLU B 95 -8.75 1.12 2.45
N ALA B 96 -8.31 1.95 1.48
CA ALA B 96 -8.94 3.26 1.26
C ALA B 96 -10.43 3.12 0.92
N MSE B 97 -10.74 2.18 0.03
CA MSE B 97 -12.14 1.88 -0.37
C MSE B 97 -13.01 1.40 0.81
O MSE B 97 -14.20 1.75 0.89
CB MSE B 97 -12.16 0.81 -1.48
CG MSE B 97 -11.72 1.26 -2.86
SE MSE B 97 -12.96 2.51 -3.62
CE MSE B 97 -14.53 1.36 -3.89
N GLN B 98 -12.42 0.60 1.71
CA GLN B 98 -13.12 0.11 2.89
C GLN B 98 -13.46 1.30 3.79
N GLU B 99 -12.51 2.23 3.88
CA GLU B 99 -12.68 3.37 4.78
C GLU B 99 -13.48 4.52 4.14
N LEU B 100 -13.37 4.67 2.82
CA LEU B 100 -13.93 5.85 2.11
C LEU B 100 -14.99 5.57 1.02
N GLY B 101 -15.22 4.30 0.68
CA GLY B 101 -15.99 3.92 -0.52
C GLY B 101 -17.48 4.22 -0.51
N LYS B 102 -18.00 4.60 0.64
CA LYS B 102 -19.41 4.96 0.75
C LYS B 102 -19.64 6.45 0.45
N ASP B 103 -18.55 7.23 0.39
CA ASP B 103 -18.62 8.67 0.17
C ASP B 103 -17.94 9.11 -1.13
N TYR B 104 -16.88 8.38 -1.50
CA TYR B 104 -16.06 8.75 -2.66
C TYR B 104 -15.90 7.60 -3.63
N SER B 105 -15.86 7.95 -4.91
CA SER B 105 -15.69 6.94 -5.95
C SER B 105 -14.27 6.40 -5.98
N GLU B 106 -14.13 5.24 -6.60
CA GLU B 106 -12.82 4.64 -6.82
C GLU B 106 -11.92 5.60 -7.61
N GLU B 107 -12.46 6.24 -8.65
CA GLU B 107 -11.66 7.21 -9.41
C GLU B 107 -11.20 8.42 -8.62
N GLU B 108 -12.06 8.96 -7.77
CA GLU B 108 -11.64 10.09 -6.93
C GLU B 108 -10.50 9.68 -6.01
N ILE B 109 -10.64 8.50 -5.41
CA ILE B 109 -9.69 7.99 -4.43
C ILE B 109 -8.37 7.68 -5.13
N ARG B 110 -8.45 7.03 -6.30
CA ARG B 110 -7.23 6.77 -7.08
C ARG B 110 -6.46 8.04 -7.46
N LEU B 111 -7.18 9.09 -7.91
CA LEU B 111 -6.54 10.36 -8.26
C LEU B 111 -5.80 10.98 -7.07
N VAL B 112 -6.45 11.04 -5.92
CA VAL B 112 -5.84 11.69 -4.78
C VAL B 112 -4.67 10.85 -4.29
N ARG B 113 -4.81 9.53 -4.38
CA ARG B 113 -3.74 8.61 -3.95
C ARG B 113 -2.49 8.85 -4.84
N ILE B 114 -2.68 9.04 -6.14
CA ILE B 114 -1.54 9.40 -7.03
C ILE B 114 -0.85 10.66 -6.55
N LYS B 115 -1.64 11.70 -6.27
CA LYS B 115 -1.11 12.98 -5.78
C LYS B 115 -0.30 12.74 -4.49
N PHE B 116 -0.89 12.02 -3.56
CA PHE B 116 -0.27 11.80 -2.28
C PHE B 116 1.04 11.00 -2.40
N LEU B 117 0.98 9.86 -3.10
CA LEU B 117 2.22 9.03 -3.23
C LEU B 117 3.34 9.77 -3.90
N SER B 118 3.00 10.50 -4.96
CA SER B 118 4.04 11.28 -5.67
C SER B 118 4.66 12.32 -4.73
N GLU B 119 3.82 13.04 -4.02
CA GLU B 119 4.37 14.10 -3.15
C GLU B 119 5.26 13.56 -2.04
N MSE B 120 4.81 12.49 -1.40
CA MSE B 120 5.50 12.01 -0.20
C MSE B 120 6.73 11.19 -0.48
O MSE B 120 7.56 10.98 0.42
CB MSE B 120 4.52 11.23 0.70
CG MSE B 120 3.31 12.06 1.09
SE MSE B 120 3.76 13.78 1.95
CE MSE B 120 2.14 14.74 1.40
N ALA B 121 6.84 10.65 -1.68
CA ALA B 121 7.94 9.74 -1.98
C ALA B 121 8.85 10.09 -3.14
N ASN B 122 8.36 10.85 -4.13
CA ASN B 122 9.08 10.88 -5.41
C ASN B 122 9.89 12.15 -5.64
NA NA C . 14.53 -16.09 0.87
CL CL D . -4.00 2.28 7.24
#